data_8VPV
#
_entry.id   8VPV
#
_cell.length_a   82.685
_cell.length_b   82.685
_cell.length_c   282.007
_cell.angle_alpha   90.00
_cell.angle_beta   90.00
_cell.angle_gamma   120.00
#
_symmetry.space_group_name_H-M   'P 65 2 2'
#
loop_
_entity.id
_entity.type
_entity.pdbx_description
1 polymer 'RNA (101-MER)'
2 non-polymer 7-DEAZA-7-AMINOMETHYL-GUANINE
3 water water
#
_entity_poly.entity_id   1
_entity_poly.type   'polyribonucleotide'
_entity_poly.pdbx_seq_one_letter_code
;(GTP)AGCAACUUAGGAUUUUAGGCUCCCCGGCGUGUCUCGAACCAUGCCGGGCCAAACCCAUAGGGCUGGCGGUCCCUG
UGCGGUCAAAUUCAUCCGCCGGAG
;
_entity_poly.pdbx_strand_id   A
#
loop_
_chem_comp.id
_chem_comp.type
_chem_comp.name
_chem_comp.formula
A RNA linking ADENOSINE-5'-MONOPHOSPHATE 'C10 H14 N5 O7 P'
C RNA linking CYTIDINE-5'-MONOPHOSPHATE 'C9 H14 N3 O8 P'
G RNA linking GUANOSINE-5'-MONOPHOSPHATE 'C10 H14 N5 O8 P'
GTP non-polymer GUANOSINE-5'-TRIPHOSPHATE 'C10 H16 N5 O14 P3'
PRF non-polymer 7-DEAZA-7-AMINOMETHYL-GUANINE 'C7 H9 N5 O'
U RNA linking URIDINE-5'-MONOPHOSPHATE 'C9 H13 N2 O9 P'
#
# COMPACT_ATOMS: atom_id res chain seq x y z
PG GTP A 1 -8.46 8.07 3.72
O1G GTP A 1 -7.15 7.98 2.97
O2G GTP A 1 -8.83 9.52 3.95
O3G GTP A 1 -8.33 7.37 5.05
O3B GTP A 1 -9.61 7.37 2.83
PB GTP A 1 -9.25 6.69 1.42
O1B GTP A 1 -10.39 5.78 1.00
O2B GTP A 1 -8.98 7.74 0.36
O3A GTP A 1 -7.94 5.80 1.70
PA GTP A 1 -7.48 4.70 0.63
O1A GTP A 1 -7.21 3.38 1.31
O2A GTP A 1 -8.50 4.53 -0.46
O5' GTP A 1 -6.10 5.30 0.07
C5' GTP A 1 -4.87 5.01 0.69
C4' GTP A 1 -4.90 5.49 2.14
O4' GTP A 1 -5.56 4.53 2.95
C3' GTP A 1 -3.51 5.65 2.72
O3' GTP A 1 -3.03 6.96 2.60
C2' GTP A 1 -3.67 5.26 4.18
O2' GTP A 1 -3.74 6.41 5.00
C1' GTP A 1 -4.96 4.44 4.24
N9 GTP A 1 -4.67 3.03 4.53
C8 GTP A 1 -5.15 1.95 3.84
N7 GTP A 1 -4.66 0.82 4.41
C5 GTP A 1 -3.89 1.16 5.47
C6 GTP A 1 -3.18 0.41 6.39
O6 GTP A 1 -3.17 -0.82 6.31
N1 GTP A 1 -2.46 1.05 7.38
C2 GTP A 1 -2.47 2.43 7.45
N2 GTP A 1 -1.79 3.05 8.41
N3 GTP A 1 -3.18 3.17 6.54
C4 GTP A 1 -3.89 2.55 5.56
H4' GTP A 1 -5.42 6.44 2.13
H3' GTP A 1 -2.77 5.03 2.21
H2' GTP A 1 -2.83 4.69 4.56
HO2' GTP A 1 -4.64 6.49 5.38
H1' GTP A 1 -5.61 4.83 5.01
H8 GTP A 1 -5.81 1.98 2.97
HN1 GTP A 1 -1.92 0.49 8.08
HN21 GTP A 1 -1.79 4.07 8.46
HN22 GTP A 1 -1.25 2.51 9.09
N1 PRF B . 11.42 -7.47 -5.86
C2 PRF B . 10.68 -6.23 -5.87
N3 PRF B . 9.41 -6.13 -6.59
C4 PRF B . 8.88 -7.32 -7.32
C5 PRF B . 9.58 -8.50 -7.32
C6 PRF B . 10.90 -8.61 -6.56
O6 PRF B . 11.50 -9.63 -6.56
C7 PRF B . 8.88 -9.40 -8.06
C10 PRF B . 8.98 -10.86 -8.50
N11 PRF B . 9.47 -10.91 -9.87
C8 PRF B . 7.74 -8.78 -8.52
N9 PRF B . 7.74 -7.50 -8.08
N2 PRF B . 11.19 -5.08 -5.16
H91 PRF B . 12.28 -7.53 -5.36
H101 PRF B . 8.01 -11.32 -8.45
H102 PRF B . 9.66 -11.38 -7.85
H111 PRF B . 10.40 -11.31 -9.88
H112 PRF B . 9.52 -9.97 -10.25
H81 PRF B . 6.98 -9.23 -9.14
HN91 PRF B . 7.04 -6.80 -8.25
HN21 PRF B . 12.06 -5.14 -4.65
HN22 PRF B . 10.68 -4.21 -5.16
#